data_6YJ7
#
_entry.id   6YJ7
#
_cell.length_a   41.310
_cell.length_b   69.260
_cell.length_c   105.420
_cell.angle_alpha   90.000
_cell.angle_beta   90.000
_cell.angle_gamma   90.000
#
_symmetry.space_group_name_H-M   'P 21 21 21'
#
loop_
_entity.id
_entity.type
_entity.pdbx_description
1 polymer 'CBS domain-containing protein YkuL'
2 non-polymer 'ADENOSINE MONOPHOSPHATE'
3 non-polymer 'CHLORIDE ION'
4 water water
#
_entity_poly.entity_id   1
_entity_poly.type   'polypeptide(L)'
_entity_poly.pdbx_seq_one_letter_code
;MISLQSDQLLEATVGQFMIEADKVAHVQVGNNLEHALLVLTKTGYTAIPVLDPSYRLHGLIGTNMIMNSIFGLERIEFEK
LDQITVEEVMLTDIPRLHINDPIMKGFGMVINNGFVCVENDEQVFEGIFTRRVVLKELNKHIRSLNK
;
_entity_poly.pdbx_strand_id   A,B
#
# COMPACT_ATOMS: atom_id res chain seq x y z
N SER A 3 -19.76 14.28 10.85
CA SER A 3 -20.81 15.24 11.12
C SER A 3 -20.25 16.63 11.35
N LEU A 4 -18.95 16.81 11.13
CA LEU A 4 -18.33 18.12 11.27
C LEU A 4 -18.52 18.97 10.03
N GLN A 5 -18.64 20.27 10.24
CA GLN A 5 -18.58 21.20 9.14
C GLN A 5 -17.11 21.47 8.78
N SER A 6 -16.91 22.10 7.61
CA SER A 6 -15.53 22.30 7.15
C SER A 6 -14.80 23.22 8.12
N ASP A 7 -15.50 24.20 8.70
CA ASP A 7 -14.81 25.10 9.61
C ASP A 7 -14.48 24.47 10.95
N GLN A 8 -14.79 23.19 11.12
CA GLN A 8 -14.45 22.46 12.32
C GLN A 8 -13.32 21.48 12.09
N LEU A 9 -12.99 21.20 10.83
CA LEU A 9 -12.14 20.06 10.47
C LEU A 9 -10.77 20.16 11.13
N LEU A 10 -10.18 21.36 11.13
CA LEU A 10 -8.79 21.47 11.60
C LEU A 10 -8.69 21.49 13.12
N GLU A 11 -9.79 21.71 13.83
CA GLU A 11 -9.78 21.53 15.27
C GLU A 11 -9.94 20.07 15.69
N ALA A 12 -10.12 19.16 14.74
CA ALA A 12 -10.34 17.76 15.03
C ALA A 12 -9.00 17.09 15.32
N THR A 13 -9.08 15.91 15.89
CA THR A 13 -7.91 15.13 16.24
C THR A 13 -7.85 13.87 15.41
N VAL A 14 -6.65 13.28 15.40
CA VAL A 14 -6.43 12.01 14.72
C VAL A 14 -7.39 10.93 15.22
N GLY A 15 -7.56 10.82 16.55
CA GLY A 15 -8.41 9.78 17.08
C GLY A 15 -9.85 9.83 16.58
N GLN A 16 -10.35 11.03 16.26
CA GLN A 16 -11.73 11.15 15.80
C GLN A 16 -11.94 10.57 14.40
N PHE A 17 -10.88 10.38 13.63
CA PHE A 17 -10.99 9.88 12.27
C PHE A 17 -10.21 8.59 12.05
N MET A 18 -9.58 8.03 13.09
CA MET A 18 -8.84 6.81 12.86
C MET A 18 -9.77 5.61 12.69
N ILE A 19 -9.22 4.55 12.11
CA ILE A 19 -9.84 3.23 12.15
C ILE A 19 -9.45 2.60 13.47
N GLU A 20 -10.46 2.27 14.31
CA GLU A 20 -10.23 1.80 15.68
C GLU A 20 -9.52 0.45 15.70
N ALA A 21 -8.71 0.25 16.76
CA ALA A 21 -7.86 -0.95 16.89
C ALA A 21 -8.65 -2.24 16.76
N ASP A 22 -9.89 -2.28 17.26
CA ASP A 22 -10.70 -3.49 17.17
C ASP A 22 -11.06 -3.85 15.74
N LYS A 23 -10.82 -2.95 14.79
CA LYS A 23 -11.05 -3.22 13.37
C LYS A 23 -9.75 -3.42 12.61
N VAL A 24 -8.61 -3.35 13.29
CA VAL A 24 -7.31 -3.36 12.65
C VAL A 24 -6.66 -4.73 12.85
N ALA A 25 -6.27 -5.38 11.75
CA ALA A 25 -5.56 -6.64 11.82
C ALA A 25 -4.15 -6.35 12.29
N HIS A 26 -3.68 -7.11 13.27
CA HIS A 26 -2.33 -6.92 13.76
C HIS A 26 -1.74 -8.30 14.10
N VAL A 27 -0.43 -8.33 14.38
CA VAL A 27 0.24 -9.54 14.86
C VAL A 27 1.05 -9.18 16.10
N GLN A 28 1.62 -10.22 16.72
N GLN A 28 1.63 -10.20 16.72
CA GLN A 28 2.42 -10.11 17.93
CA GLN A 28 2.41 -9.99 17.93
C GLN A 28 3.91 -10.18 17.57
C GLN A 28 3.89 -10.22 17.63
N VAL A 29 4.74 -9.55 18.41
CA VAL A 29 6.20 -9.60 18.16
C VAL A 29 6.70 -11.05 18.09
N GLY A 30 6.09 -11.95 18.85
CA GLY A 30 6.60 -13.29 18.88
C GLY A 30 5.94 -14.30 17.96
N ASN A 31 4.97 -13.87 17.14
CA ASN A 31 4.43 -14.71 16.08
C ASN A 31 5.52 -15.01 15.04
N ASN A 32 5.32 -16.07 14.26
CA ASN A 32 6.33 -16.28 13.24
C ASN A 32 5.91 -15.63 11.93
N LEU A 33 6.86 -15.63 10.98
CA LEU A 33 6.58 -14.95 9.73
C LEU A 33 5.48 -15.63 8.93
N GLU A 34 5.33 -16.97 9.05
CA GLU A 34 4.25 -17.65 8.33
C GLU A 34 2.91 -17.11 8.78
N HIS A 35 2.77 -16.88 10.09
CA HIS A 35 1.52 -16.32 10.61
C HIS A 35 1.28 -14.92 10.08
N ALA A 36 2.29 -14.06 10.13
CA ALA A 36 2.14 -12.70 9.61
C ALA A 36 1.82 -12.71 8.13
N LEU A 37 2.49 -13.60 7.36
CA LEU A 37 2.23 -13.66 5.93
C LEU A 37 0.79 -14.10 5.65
N LEU A 38 0.28 -15.05 6.44
CA LEU A 38 -1.12 -15.46 6.24
C LEU A 38 -2.08 -14.31 6.52
N VAL A 39 -1.82 -13.50 7.55
CA VAL A 39 -2.70 -12.37 7.85
C VAL A 39 -2.62 -11.33 6.74
N LEU A 40 -1.40 -10.99 6.31
CA LEU A 40 -1.21 -10.03 5.22
C LEU A 40 -1.90 -10.48 3.95
N THR A 41 -1.84 -11.79 3.67
CA THR A 41 -2.40 -12.32 2.43
C THR A 41 -3.93 -12.43 2.49
N LYS A 42 -4.47 -12.95 3.63
CA LYS A 42 -5.92 -13.12 3.77
C LYS A 42 -6.63 -11.78 3.75
N THR A 43 -6.07 -10.79 4.44
CA THR A 43 -6.65 -9.45 4.49
C THR A 43 -6.34 -8.61 3.26
N GLY A 44 -5.29 -8.95 2.52
CA GLY A 44 -4.88 -8.13 1.38
C GLY A 44 -4.09 -6.89 1.75
N TYR A 45 -3.76 -6.73 3.02
CA TYR A 45 -3.06 -5.56 3.52
C TYR A 45 -1.57 -5.60 3.18
N THR A 46 -1.00 -4.40 2.98
CA THR A 46 0.43 -4.33 2.62
C THR A 46 1.35 -4.43 3.83
N ALA A 47 1.01 -3.76 4.93
CA ALA A 47 1.76 -3.85 6.18
C ALA A 47 0.77 -3.74 7.34
N ILE A 48 1.09 -4.40 8.45
CA ILE A 48 0.22 -4.38 9.63
C ILE A 48 1.00 -4.10 10.90
N PRO A 49 0.34 -3.53 11.92
CA PRO A 49 1.00 -3.25 13.20
C PRO A 49 1.45 -4.53 13.90
N VAL A 50 2.52 -4.38 14.67
CA VAL A 50 3.03 -5.44 15.50
C VAL A 50 2.97 -4.99 16.95
N LEU A 51 2.27 -5.76 17.78
CA LEU A 51 2.04 -5.42 19.19
C LEU A 51 2.76 -6.40 20.09
N ASP A 52 2.92 -6.03 21.37
CA ASP A 52 3.39 -7.03 22.31
C ASP A 52 2.19 -7.54 23.12
N PRO A 53 2.38 -8.48 24.04
CA PRO A 53 1.21 -9.00 24.77
C PRO A 53 0.47 -7.96 25.59
N SER A 54 1.10 -6.85 25.93
CA SER A 54 0.44 -5.78 26.69
C SER A 54 -0.21 -4.76 25.78
N TYR A 55 -0.37 -5.07 24.49
CA TYR A 55 -1.02 -4.22 23.48
C TYR A 55 -0.23 -2.96 23.19
N ARG A 56 1.09 -2.96 23.47
CA ARG A 56 1.92 -1.81 23.11
C ARG A 56 2.43 -1.99 21.69
N LEU A 57 2.52 -0.88 20.97
CA LEU A 57 2.91 -0.88 19.56
C LEU A 57 4.42 -0.91 19.40
N HIS A 58 4.95 -1.94 18.70
CA HIS A 58 6.40 -2.05 18.53
C HIS A 58 6.90 -1.79 17.12
N GLY A 59 6.09 -1.96 16.10
CA GLY A 59 6.59 -1.83 14.75
C GLY A 59 5.54 -2.21 13.73
N LEU A 60 6.00 -2.33 12.49
CA LEU A 60 5.20 -2.72 11.34
C LEU A 60 5.86 -3.89 10.66
N ILE A 61 5.05 -4.80 10.12
CA ILE A 61 5.55 -5.90 9.30
C ILE A 61 4.74 -5.94 8.00
N GLY A 62 5.45 -6.05 6.87
CA GLY A 62 4.80 -6.16 5.58
C GLY A 62 5.36 -7.32 4.78
N THR A 63 4.63 -7.67 3.72
CA THR A 63 5.03 -8.79 2.89
C THR A 63 6.41 -8.59 2.28
N ASN A 64 6.72 -7.36 1.84
CA ASN A 64 8.03 -7.10 1.27
C ASN A 64 9.15 -7.47 2.25
N MET A 65 8.98 -7.11 3.53
CA MET A 65 9.96 -7.45 4.56
C MET A 65 10.13 -8.95 4.68
N ILE A 66 9.03 -9.69 4.65
CA ILE A 66 9.07 -11.14 4.82
C ILE A 66 9.76 -11.77 3.61
N MET A 67 9.41 -11.32 2.41
N MET A 67 9.39 -11.31 2.42
CA MET A 67 10.04 -11.87 1.22
CA MET A 67 10.01 -11.80 1.19
C MET A 67 11.53 -11.57 1.20
C MET A 67 11.51 -11.56 1.20
N ASN A 68 11.92 -10.34 1.59
CA ASN A 68 13.35 -10.04 1.63
C ASN A 68 14.08 -10.95 2.62
N SER A 69 13.38 -11.45 3.64
CA SER A 69 13.98 -12.40 4.58
C SER A 69 14.13 -13.81 4.01
N ILE A 70 13.24 -14.24 3.11
CA ILE A 70 13.30 -15.65 2.68
C ILE A 70 13.79 -15.82 1.26
N PHE A 71 14.08 -14.74 0.54
CA PHE A 71 14.63 -14.90 -0.79
C PHE A 71 16.07 -15.41 -0.68
N GLY A 72 16.28 -16.65 -1.09
CA GLY A 72 17.59 -17.25 -1.08
C GLY A 72 18.25 -17.19 -2.44
N LEU A 73 19.46 -17.71 -2.49
CA LEU A 73 20.22 -17.61 -3.72
C LEU A 73 19.56 -18.39 -4.85
N GLU A 74 19.11 -19.62 -4.57
CA GLU A 74 18.61 -20.52 -5.60
C GLU A 74 17.18 -20.95 -5.38
N ARG A 75 16.56 -20.51 -4.29
CA ARG A 75 15.20 -20.91 -3.94
C ARG A 75 14.67 -19.95 -2.90
N ILE A 76 13.35 -19.89 -2.81
CA ILE A 76 12.72 -19.17 -1.71
C ILE A 76 12.79 -20.10 -0.51
N GLU A 77 13.43 -19.62 0.56
CA GLU A 77 13.75 -20.47 1.72
C GLU A 77 12.56 -20.49 2.68
N PHE A 78 11.51 -21.17 2.22
CA PHE A 78 10.22 -21.09 2.89
C PHE A 78 10.27 -21.68 4.29
N GLU A 79 11.24 -22.55 4.56
CA GLU A 79 11.35 -23.09 5.91
C GLU A 79 11.53 -21.98 6.92
N LYS A 80 12.17 -20.88 6.54
CA LYS A 80 12.39 -19.80 7.47
C LYS A 80 11.10 -19.15 7.99
N LEU A 81 9.98 -19.25 7.25
CA LEU A 81 8.74 -18.62 7.72
C LEU A 81 8.33 -19.16 9.07
N ASP A 82 8.60 -20.46 9.31
CA ASP A 82 8.30 -21.09 10.59
C ASP A 82 9.32 -20.71 11.64
N GLN A 83 10.58 -20.50 11.21
CA GLN A 83 11.73 -20.36 12.09
C GLN A 83 11.92 -18.93 12.62
N ILE A 84 11.54 -17.89 11.84
CA ILE A 84 11.88 -16.52 12.18
C ILE A 84 10.66 -15.85 12.77
N THR A 85 10.86 -15.03 13.80
CA THR A 85 9.75 -14.30 14.40
C THR A 85 9.59 -12.92 13.75
N VAL A 86 8.38 -12.36 13.93
CA VAL A 86 8.06 -11.02 13.43
C VAL A 86 9.02 -9.98 13.98
N GLU A 87 9.37 -10.09 15.26
CA GLU A 87 10.30 -9.16 15.90
C GLU A 87 11.63 -9.04 15.14
N GLU A 88 12.09 -10.13 14.52
CA GLU A 88 13.41 -10.14 13.86
C GLU A 88 13.42 -9.42 12.53
N VAL A 89 12.26 -9.17 11.95
CA VAL A 89 12.11 -8.67 10.58
C VAL A 89 11.37 -7.35 10.54
N MET A 90 10.61 -7.02 11.59
CA MET A 90 9.73 -5.86 11.54
C MET A 90 10.52 -4.55 11.49
N LEU A 91 9.88 -3.54 10.93
CA LEU A 91 10.42 -2.19 10.98
C LEU A 91 10.02 -1.56 12.32
N THR A 92 10.99 -1.07 13.09
CA THR A 92 10.68 -0.44 14.38
C THR A 92 10.74 1.09 14.35
N ASP A 93 11.44 1.69 13.40
CA ASP A 93 11.44 3.15 13.32
C ASP A 93 10.26 3.52 12.44
N ILE A 94 9.09 3.56 13.07
CA ILE A 94 7.84 3.80 12.35
C ILE A 94 7.31 5.16 12.76
N PRO A 95 6.54 5.78 11.87
CA PRO A 95 5.75 6.93 12.23
C PRO A 95 4.69 6.55 13.28
N ARG A 96 4.44 7.48 14.20
CA ARG A 96 3.41 7.29 15.23
C ARG A 96 2.60 8.56 15.42
N LEU A 97 1.30 8.41 15.51
CA LEU A 97 0.42 9.49 15.94
C LEU A 97 -0.16 9.18 17.30
N HIS A 98 -0.37 10.22 18.09
CA HIS A 98 -1.12 10.10 19.33
C HIS A 98 -2.60 10.32 19.03
N ILE A 99 -3.47 9.68 19.80
CA ILE A 99 -4.91 9.75 19.54
C ILE A 99 -5.42 11.19 19.60
N ASN A 100 -4.74 12.04 20.37
CA ASN A 100 -5.15 13.42 20.56
C ASN A 100 -4.36 14.40 19.71
N ASP A 101 -3.57 13.91 18.76
CA ASP A 101 -2.80 14.80 17.90
C ASP A 101 -3.75 15.58 17.00
N PRO A 102 -3.42 16.82 16.70
CA PRO A 102 -4.24 17.58 15.75
C PRO A 102 -4.28 16.89 14.39
N ILE A 103 -5.44 16.92 13.76
CA ILE A 103 -5.61 16.15 12.53
C ILE A 103 -4.66 16.62 11.43
N MET A 104 -4.22 17.90 11.45
CA MET A 104 -3.27 18.33 10.42
C MET A 104 -1.95 17.59 10.53
N LYS A 105 -1.58 17.15 11.74
CA LYS A 105 -0.37 16.34 11.85
C LYS A 105 -0.54 15.03 11.10
N GLY A 106 -1.69 14.38 11.30
CA GLY A 106 -2.01 13.18 10.55
C GLY A 106 -2.01 13.41 9.05
N PHE A 107 -2.64 14.51 8.61
CA PHE A 107 -2.65 14.86 7.19
C PHE A 107 -1.25 14.93 6.60
N GLY A 108 -0.33 15.61 7.29
CA GLY A 108 1.03 15.71 6.79
C GLY A 108 1.72 14.36 6.72
N MET A 109 1.52 13.51 7.74
CA MET A 109 2.25 12.24 7.85
C MET A 109 1.79 11.22 6.84
N VAL A 110 0.55 11.31 6.32
CA VAL A 110 0.13 10.34 5.31
C VAL A 110 0.59 10.74 3.90
N ILE A 111 1.22 11.90 3.71
CA ILE A 111 1.86 12.14 2.42
C ILE A 111 2.86 11.04 2.13
N ASN A 112 3.72 10.73 3.10
N ASN A 112 3.71 10.73 3.11
CA ASN A 112 4.78 9.76 2.87
CA ASN A 112 4.81 9.79 2.93
C ASN A 112 4.40 8.34 3.23
C ASN A 112 4.49 8.38 3.39
N ASN A 113 3.33 8.15 4.01
CA ASN A 113 3.00 6.82 4.55
C ASN A 113 1.58 6.43 4.18
N GLY A 114 1.39 5.21 3.68
CA GLY A 114 0.05 4.77 3.32
C GLY A 114 -0.89 4.77 4.50
N PHE A 115 -0.39 4.44 5.68
CA PHE A 115 -1.14 4.64 6.92
C PHE A 115 -0.14 4.91 8.02
N VAL A 116 -0.62 5.47 9.13
CA VAL A 116 0.19 5.76 10.30
C VAL A 116 -0.52 5.16 11.51
N CYS A 117 0.23 4.43 12.34
CA CYS A 117 -0.36 3.90 13.55
C CYS A 117 -0.65 5.00 14.55
N VAL A 118 -1.76 4.83 15.26
CA VAL A 118 -2.21 5.72 16.32
C VAL A 118 -2.08 4.99 17.65
N GLU A 119 -1.58 5.70 18.66
CA GLU A 119 -1.41 5.12 19.97
C GLU A 119 -1.93 6.07 21.04
N ASN A 120 -2.17 5.50 22.21
CA ASN A 120 -2.50 6.26 23.40
C ASN A 120 -1.21 6.61 24.11
N ASP A 121 -1.33 7.06 25.36
CA ASP A 121 -0.18 7.17 26.23
C ASP A 121 0.47 5.80 26.38
N GLU A 122 1.73 5.82 26.75
CA GLU A 122 2.46 4.57 26.99
C GLU A 122 2.46 3.65 25.78
N GLN A 123 2.33 4.22 24.57
N GLN A 123 2.33 4.22 24.57
CA GLN A 123 2.42 3.49 23.30
CA GLN A 123 2.42 3.50 23.30
C GLN A 123 1.39 2.36 23.20
C GLN A 123 1.38 2.39 23.17
N VAL A 124 0.26 2.48 23.90
CA VAL A 124 -0.79 1.48 23.75
C VAL A 124 -1.50 1.70 22.41
N PHE A 125 -1.61 0.63 21.63
CA PHE A 125 -2.12 0.75 20.26
C PHE A 125 -3.62 1.10 20.27
N GLU A 126 -4.01 2.10 19.46
CA GLU A 126 -5.39 2.56 19.38
C GLU A 126 -6.04 2.44 18.02
N GLY A 127 -5.28 2.44 16.92
CA GLY A 127 -5.88 2.34 15.60
C GLY A 127 -4.91 2.79 14.53
N ILE A 128 -5.44 3.02 13.34
CA ILE A 128 -4.58 3.48 12.25
C ILE A 128 -5.26 4.63 11.55
N PHE A 129 -4.44 5.49 10.96
CA PHE A 129 -4.90 6.71 10.30
C PHE A 129 -4.39 6.58 8.86
N THR A 130 -5.29 6.47 7.90
CA THR A 130 -4.90 6.05 6.57
C THR A 130 -5.05 7.18 5.55
N ARG A 131 -4.34 7.02 4.44
CA ARG A 131 -4.53 7.94 3.34
C ARG A 131 -5.99 7.99 2.89
N ARG A 132 -6.66 6.84 2.79
CA ARG A 132 -8.03 6.86 2.29
C ARG A 132 -8.95 7.65 3.23
N VAL A 133 -8.75 7.55 4.55
CA VAL A 133 -9.59 8.32 5.47
C VAL A 133 -9.44 9.81 5.17
N VAL A 134 -8.21 10.26 4.94
CA VAL A 134 -7.96 11.67 4.64
C VAL A 134 -8.57 12.04 3.30
N LEU A 135 -8.34 11.23 2.27
CA LEU A 135 -8.85 11.56 0.95
C LEU A 135 -10.37 11.61 0.94
N LYS A 136 -11.00 10.65 1.63
CA LYS A 136 -12.46 10.61 1.67
C LYS A 136 -13.00 11.85 2.38
N GLU A 137 -12.39 12.26 3.49
CA GLU A 137 -12.91 13.41 4.22
C GLU A 137 -12.65 14.70 3.44
N LEU A 138 -11.47 14.82 2.84
CA LEU A 138 -11.20 15.99 2.02
C LEU A 138 -12.17 16.06 0.83
N ASN A 139 -12.45 14.93 0.18
CA ASN A 139 -13.43 14.91 -0.92
C ASN A 139 -14.72 15.60 -0.52
N LYS A 140 -15.22 15.26 0.67
CA LYS A 140 -16.44 15.87 1.16
C LYS A 140 -16.31 17.38 1.25
N HIS A 141 -15.20 17.86 1.81
CA HIS A 141 -15.09 19.28 2.10
C HIS A 141 -14.61 20.10 0.91
N ILE A 142 -13.82 19.50 0.01
CA ILE A 142 -13.44 20.24 -1.18
C ILE A 142 -14.62 20.41 -2.12
N ARG A 143 -15.50 19.41 -2.18
CA ARG A 143 -16.71 19.55 -2.99
C ARG A 143 -17.54 20.75 -2.55
N SER A 144 -17.57 21.05 -1.26
CA SER A 144 -18.27 22.24 -0.77
C SER A 144 -17.29 23.22 -0.14
N GLU B 11 -7.67 24.06 -15.64
CA GLU B 11 -7.00 24.17 -14.35
C GLU B 11 -5.88 23.10 -14.25
N ALA B 12 -5.70 22.51 -13.08
CA ALA B 12 -4.66 21.49 -12.93
C ALA B 12 -5.10 20.20 -13.59
N THR B 13 -4.18 19.54 -14.30
CA THR B 13 -4.45 18.26 -14.94
C THR B 13 -3.65 17.14 -14.29
N VAL B 14 -4.17 15.92 -14.50
CA VAL B 14 -3.54 14.69 -14.04
C VAL B 14 -2.09 14.61 -14.53
N GLY B 15 -1.88 14.93 -15.80
CA GLY B 15 -0.55 14.84 -16.39
C GLY B 15 0.48 15.74 -15.73
N GLN B 16 0.05 16.88 -15.18
CA GLN B 16 0.98 17.81 -14.55
C GLN B 16 1.48 17.30 -13.20
N PHE B 17 0.84 16.31 -12.62
CA PHE B 17 1.25 15.83 -11.31
C PHE B 17 1.58 14.35 -11.30
N MET B 18 1.33 13.63 -12.38
CA MET B 18 1.59 12.20 -12.36
C MET B 18 3.09 11.92 -12.23
N ILE B 19 3.39 10.71 -11.80
CA ILE B 19 4.75 10.16 -11.91
C ILE B 19 4.93 9.66 -13.34
N GLU B 20 5.90 10.22 -14.05
CA GLU B 20 6.04 9.95 -15.47
C GLU B 20 6.50 8.51 -15.70
N ALA B 21 6.09 7.95 -16.85
CA ALA B 21 6.28 6.52 -17.12
C ALA B 21 7.73 6.08 -16.99
N ASP B 22 8.68 6.94 -17.33
CA ASP B 22 10.08 6.48 -17.24
C ASP B 22 10.54 6.32 -15.80
N LYS B 23 9.80 6.84 -14.83
CA LYS B 23 10.14 6.63 -13.44
C LYS B 23 9.41 5.45 -12.82
N VAL B 24 8.52 4.78 -13.59
CA VAL B 24 7.58 3.81 -13.03
C VAL B 24 8.14 2.40 -13.18
N ALA B 25 8.24 1.69 -12.06
CA ALA B 25 8.62 0.29 -12.09
C ALA B 25 7.46 -0.52 -12.67
N HIS B 26 7.77 -1.48 -13.53
CA HIS B 26 6.72 -2.31 -14.11
C HIS B 26 7.26 -3.68 -14.49
N VAL B 27 6.35 -4.56 -14.91
N VAL B 27 6.34 -4.54 -14.95
CA VAL B 27 6.72 -5.80 -15.54
CA VAL B 27 6.61 -5.86 -15.48
C VAL B 27 6.09 -5.89 -16.92
C VAL B 27 6.04 -5.92 -16.90
N GLN B 28 6.62 -6.79 -17.73
CA GLN B 28 6.14 -7.02 -19.09
C GLN B 28 5.22 -8.23 -19.10
N VAL B 29 4.27 -8.19 -20.03
CA VAL B 29 3.43 -9.35 -20.32
C VAL B 29 4.35 -10.51 -20.68
N GLY B 30 3.96 -11.71 -20.28
CA GLY B 30 4.72 -12.90 -20.56
C GLY B 30 5.71 -13.29 -19.50
N ASN B 31 6.08 -12.37 -18.61
CA ASN B 31 6.97 -12.75 -17.52
C ASN B 31 6.22 -13.64 -16.52
N ASN B 32 6.98 -14.41 -15.75
CA ASN B 32 6.35 -15.26 -14.74
C ASN B 32 6.30 -14.54 -13.40
N LEU B 33 5.60 -15.15 -12.44
CA LEU B 33 5.38 -14.51 -11.15
C LEU B 33 6.62 -14.47 -10.29
N GLU B 34 7.59 -15.37 -10.51
CA GLU B 34 8.85 -15.27 -9.79
C GLU B 34 9.54 -13.97 -10.13
N HIS B 35 9.59 -13.62 -11.42
CA HIS B 35 10.12 -12.33 -11.87
C HIS B 35 9.33 -11.18 -11.25
N ALA B 36 8.01 -11.24 -11.36
CA ALA B 36 7.22 -10.14 -10.84
C ALA B 36 7.42 -9.97 -9.35
N LEU B 37 7.41 -11.08 -8.58
CA LEU B 37 7.61 -10.97 -7.15
C LEU B 37 9.01 -10.43 -6.83
N LEU B 38 10.03 -10.83 -7.62
CA LEU B 38 11.38 -10.30 -7.42
C LEU B 38 11.42 -8.79 -7.64
N VAL B 39 10.81 -8.29 -8.71
CA VAL B 39 10.79 -6.85 -8.96
C VAL B 39 10.05 -6.13 -7.84
N LEU B 40 8.86 -6.61 -7.47
CA LEU B 40 8.11 -6.01 -6.36
C LEU B 40 8.93 -6.00 -5.07
N THR B 41 9.63 -7.11 -4.78
CA THR B 41 10.38 -7.21 -3.55
C THR B 41 11.58 -6.28 -3.58
N LYS B 42 12.30 -6.22 -4.71
CA LYS B 42 13.48 -5.37 -4.77
C LYS B 42 13.10 -3.90 -4.74
N THR B 43 12.03 -3.54 -5.45
CA THR B 43 11.61 -2.14 -5.50
C THR B 43 10.88 -1.73 -4.24
N GLY B 44 10.34 -2.70 -3.48
CA GLY B 44 9.52 -2.34 -2.35
C GLY B 44 8.08 -1.90 -2.64
N TYR B 45 7.61 -2.03 -3.86
CA TYR B 45 6.28 -1.53 -4.21
C TYR B 45 5.24 -2.61 -3.99
N THR B 46 4.01 -2.18 -3.68
CA THR B 46 2.96 -3.17 -3.43
C THR B 46 2.30 -3.65 -4.72
N ALA B 47 2.18 -2.80 -5.74
CA ALA B 47 1.55 -3.18 -6.99
C ALA B 47 2.11 -2.30 -8.09
N ILE B 48 2.33 -2.87 -9.28
CA ILE B 48 2.93 -2.09 -10.38
C ILE B 48 2.28 -2.48 -11.70
N PRO B 49 2.36 -1.60 -12.70
CA PRO B 49 1.75 -1.88 -14.00
C PRO B 49 2.40 -3.04 -14.74
N VAL B 50 1.57 -3.71 -15.53
CA VAL B 50 1.98 -4.74 -16.48
C VAL B 50 1.84 -4.12 -17.87
N LEU B 51 2.95 -4.03 -18.60
CA LEU B 51 2.98 -3.40 -19.91
C LEU B 51 3.31 -4.43 -20.98
N ASP B 52 3.12 -4.05 -22.24
CA ASP B 52 3.55 -4.90 -23.34
C ASP B 52 4.69 -4.20 -24.06
N PRO B 53 5.31 -4.82 -25.08
CA PRO B 53 6.40 -4.13 -25.78
C PRO B 53 6.00 -2.77 -26.34
N SER B 54 4.76 -2.63 -26.81
CA SER B 54 4.22 -1.37 -27.30
C SER B 54 3.96 -0.37 -26.18
N TYR B 55 4.30 -0.68 -24.93
CA TYR B 55 4.08 0.19 -23.79
C TYR B 55 2.60 0.46 -23.54
N ARG B 56 1.74 -0.44 -24.02
CA ARG B 56 0.33 -0.47 -23.66
C ARG B 56 0.12 -1.15 -22.30
N LEU B 57 -0.87 -0.67 -21.56
CA LEU B 57 -1.17 -1.17 -20.24
C LEU B 57 -2.17 -2.33 -20.27
N HIS B 58 -1.81 -3.43 -19.62
CA HIS B 58 -2.64 -4.64 -19.60
C HIS B 58 -3.26 -4.94 -18.26
N GLY B 59 -2.64 -4.50 -17.16
CA GLY B 59 -3.22 -4.69 -15.83
C GLY B 59 -2.22 -4.28 -14.77
N LEU B 60 -2.53 -4.61 -13.51
CA LEU B 60 -1.66 -4.36 -12.38
C LEU B 60 -1.30 -5.69 -11.74
N ILE B 61 -0.08 -5.77 -11.25
CA ILE B 61 0.35 -6.97 -10.54
C ILE B 61 0.86 -6.54 -9.19
N GLY B 62 0.41 -7.23 -8.13
CA GLY B 62 0.81 -6.90 -6.80
C GLY B 62 1.21 -8.14 -6.01
N THR B 63 1.94 -7.88 -4.94
CA THR B 63 2.43 -8.95 -4.07
C THR B 63 1.29 -9.79 -3.49
N ASN B 64 0.24 -9.15 -2.99
N ASN B 64 0.22 -9.16 -3.00
CA ASN B 64 -0.89 -9.88 -2.44
CA ASN B 64 -0.85 -9.95 -2.43
C ASN B 64 -1.51 -10.80 -3.49
C ASN B 64 -1.58 -10.79 -3.48
N MET B 65 -1.69 -10.31 -4.72
CA MET B 65 -2.24 -11.14 -5.78
C MET B 65 -1.40 -12.38 -6.00
N ILE B 66 -0.08 -12.19 -6.03
CA ILE B 66 0.84 -13.28 -6.25
C ILE B 66 0.72 -14.30 -5.13
N MET B 67 0.82 -13.84 -3.87
CA MET B 67 0.71 -14.78 -2.74
C MET B 67 -0.58 -15.56 -2.79
N ASN B 68 -1.69 -14.90 -3.15
CA ASN B 68 -2.94 -15.65 -3.14
C ASN B 68 -2.96 -16.70 -4.24
N SER B 69 -2.20 -16.48 -5.31
N SER B 69 -2.20 -16.49 -5.32
CA SER B 69 -2.20 -17.39 -6.46
CA SER B 69 -2.25 -17.43 -6.44
C SER B 69 -1.49 -18.70 -6.15
C SER B 69 -1.45 -18.68 -6.20
N ILE B 70 -0.63 -18.75 -5.14
CA ILE B 70 0.17 -19.93 -4.86
C ILE B 70 -0.25 -20.62 -3.55
N PHE B 71 -1.45 -20.33 -3.05
CA PHE B 71 -1.99 -21.08 -1.91
C PHE B 71 -2.36 -22.49 -2.34
N GLY B 72 -1.60 -23.49 -1.86
CA GLY B 72 -1.89 -24.87 -2.18
C GLY B 72 -2.82 -25.54 -1.16
N LEU B 73 -3.11 -26.81 -1.43
CA LEU B 73 -3.93 -27.58 -0.50
C LEU B 73 -3.35 -27.59 0.92
N GLU B 74 -2.02 -27.52 1.05
CA GLU B 74 -1.37 -27.70 2.35
C GLU B 74 -0.39 -26.57 2.74
N ARG B 75 0.24 -25.90 1.76
CA ARG B 75 1.26 -24.91 2.06
C ARG B 75 1.33 -23.90 0.91
N ILE B 76 2.04 -22.79 1.15
CA ILE B 76 2.25 -21.76 0.14
C ILE B 76 3.31 -22.25 -0.84
N GLU B 77 2.93 -22.40 -2.10
CA GLU B 77 3.73 -23.19 -3.02
C GLU B 77 4.62 -22.25 -3.84
N PHE B 78 5.66 -21.74 -3.15
CA PHE B 78 6.58 -20.82 -3.80
C PHE B 78 7.23 -21.42 -5.03
N GLU B 79 7.39 -22.75 -5.08
CA GLU B 79 8.02 -23.36 -6.23
C GLU B 79 7.16 -23.25 -7.48
N LYS B 80 5.89 -22.88 -7.34
CA LYS B 80 5.04 -22.72 -8.50
C LYS B 80 5.19 -21.36 -9.18
N LEU B 81 5.99 -20.43 -8.63
CA LEU B 81 5.93 -19.05 -9.14
C LEU B 81 6.38 -18.97 -10.59
N ASP B 82 7.43 -19.72 -10.97
CA ASP B 82 7.92 -19.64 -12.33
C ASP B 82 7.07 -20.39 -13.34
N GLN B 83 5.99 -21.05 -12.92
CA GLN B 83 5.08 -21.70 -13.85
C GLN B 83 3.81 -20.90 -14.10
N ILE B 84 3.67 -19.73 -13.49
CA ILE B 84 2.49 -18.89 -13.66
C ILE B 84 2.93 -17.60 -14.33
N THR B 85 2.24 -17.20 -15.41
CA THR B 85 2.55 -15.93 -16.02
C THR B 85 1.81 -14.80 -15.29
N VAL B 86 2.36 -13.59 -15.41
N VAL B 86 2.34 -13.59 -15.40
CA VAL B 86 1.75 -12.42 -14.80
CA VAL B 86 1.68 -12.45 -14.74
C VAL B 86 0.33 -12.23 -15.34
C VAL B 86 0.31 -12.20 -15.34
N GLU B 87 0.11 -12.53 -16.62
CA GLU B 87 -1.17 -12.25 -17.23
C GLU B 87 -2.28 -13.14 -16.69
N GLU B 88 -1.94 -14.32 -16.14
CA GLU B 88 -2.95 -15.17 -15.52
C GLU B 88 -3.46 -14.61 -14.19
N VAL B 89 -2.72 -13.70 -13.58
CA VAL B 89 -2.96 -13.28 -12.20
C VAL B 89 -3.27 -11.79 -12.09
N MET B 90 -2.79 -10.98 -13.05
CA MET B 90 -2.91 -9.54 -12.93
C MET B 90 -4.36 -9.06 -12.93
N LEU B 91 -4.58 -7.95 -12.22
CA LEU B 91 -5.88 -7.31 -12.17
C LEU B 91 -6.03 -6.53 -13.47
N THR B 92 -7.12 -6.80 -14.21
CA THR B 92 -7.35 -6.14 -15.49
C THR B 92 -8.47 -5.13 -15.46
N ASP B 93 -9.34 -5.18 -14.45
CA ASP B 93 -10.45 -4.25 -14.32
C ASP B 93 -9.93 -3.11 -13.45
N ILE B 94 -9.31 -2.12 -14.08
CA ILE B 94 -8.69 -1.02 -13.35
C ILE B 94 -9.10 0.31 -13.96
N PRO B 95 -9.14 1.38 -13.17
CA PRO B 95 -9.48 2.69 -13.74
C PRO B 95 -8.32 3.22 -14.55
N ARG B 96 -8.65 4.15 -15.46
CA ARG B 96 -7.65 4.76 -16.31
C ARG B 96 -7.94 6.25 -16.38
N LEU B 97 -6.88 7.06 -16.40
CA LEU B 97 -6.99 8.50 -16.55
C LEU B 97 -6.29 8.88 -17.85
N HIS B 98 -6.64 10.04 -18.35
CA HIS B 98 -6.02 10.64 -19.51
C HIS B 98 -5.11 11.75 -18.99
N ILE B 99 -3.97 11.95 -19.65
CA ILE B 99 -3.05 13.03 -19.30
C ILE B 99 -3.73 14.39 -19.08
N ASN B 100 -4.81 14.69 -19.83
CA ASN B 100 -5.50 15.99 -19.77
C ASN B 100 -6.71 16.02 -18.83
N ASP B 101 -7.02 14.93 -18.13
CA ASP B 101 -8.13 14.92 -17.19
C ASP B 101 -7.88 15.92 -16.06
N PRO B 102 -8.94 16.58 -15.58
CA PRO B 102 -8.82 17.52 -14.45
C PRO B 102 -8.29 16.82 -13.22
N ILE B 103 -7.50 17.54 -12.44
CA ILE B 103 -6.91 16.87 -11.28
C ILE B 103 -8.00 16.35 -10.35
N MET B 104 -9.14 17.05 -10.27
CA MET B 104 -10.20 16.59 -9.36
C MET B 104 -10.76 15.23 -9.78
N LYS B 105 -10.71 14.90 -11.06
CA LYS B 105 -11.15 13.57 -11.48
C LYS B 105 -10.17 12.51 -10.97
N GLY B 106 -8.86 12.82 -11.01
CA GLY B 106 -7.85 11.92 -10.45
C GLY B 106 -8.01 11.79 -8.96
N PHE B 107 -8.30 12.91 -8.29
CA PHE B 107 -8.52 12.88 -6.85
C PHE B 107 -9.65 11.91 -6.47
N GLY B 108 -10.77 11.99 -7.20
CA GLY B 108 -11.87 11.07 -6.93
C GLY B 108 -11.44 9.62 -7.06
N MET B 109 -10.68 9.33 -8.10
CA MET B 109 -10.33 7.95 -8.41
C MET B 109 -9.33 7.38 -7.43
N VAL B 110 -8.57 8.21 -6.71
CA VAL B 110 -7.61 7.62 -5.76
C VAL B 110 -8.20 7.50 -4.35
N ILE B 111 -9.45 7.88 -4.15
CA ILE B 111 -10.10 7.55 -2.87
C ILE B 111 -10.06 6.05 -2.65
N ASN B 112 -10.35 5.27 -3.70
CA ASN B 112 -10.45 3.83 -3.60
C ASN B 112 -9.33 3.08 -4.29
N ASN B 113 -8.34 3.78 -4.85
CA ASN B 113 -7.22 3.16 -5.55
C ASN B 113 -5.93 3.84 -5.12
N GLY B 114 -4.91 3.06 -4.72
CA GLY B 114 -3.66 3.70 -4.31
C GLY B 114 -3.00 4.49 -5.42
N PHE B 115 -3.18 4.06 -6.66
CA PHE B 115 -2.74 4.86 -7.78
C PHE B 115 -3.60 4.49 -8.97
N VAL B 116 -3.64 5.39 -9.96
CA VAL B 116 -4.35 5.12 -11.20
C VAL B 116 -3.42 5.38 -12.37
N CYS B 117 -3.41 4.46 -13.32
CA CYS B 117 -2.57 4.64 -14.49
C CYS B 117 -3.15 5.70 -15.45
N VAL B 118 -2.24 6.37 -16.14
CA VAL B 118 -2.53 7.48 -17.02
C VAL B 118 -2.09 7.07 -18.41
N GLU B 119 -2.94 7.31 -19.41
CA GLU B 119 -2.53 7.00 -20.78
C GLU B 119 -2.91 8.15 -21.70
N ASN B 120 -2.36 8.12 -22.91
CA ASN B 120 -2.59 9.20 -23.87
C ASN B 120 -3.68 8.83 -24.86
N ASP B 121 -3.85 9.67 -25.91
CA ASP B 121 -4.85 9.43 -26.95
C ASP B 121 -4.64 8.09 -27.65
N GLU B 122 -3.41 7.59 -27.68
CA GLU B 122 -3.08 6.33 -28.35
C GLU B 122 -3.13 5.15 -27.41
N GLN B 123 -3.62 5.34 -26.18
CA GLN B 123 -3.71 4.27 -25.20
C GLN B 123 -2.33 3.75 -24.82
N VAL B 124 -1.32 4.61 -24.91
CA VAL B 124 0.02 4.27 -24.45
C VAL B 124 0.18 4.77 -23.03
N PHE B 125 0.81 3.92 -22.19
CA PHE B 125 1.05 4.22 -20.78
C PHE B 125 1.96 5.42 -20.63
N GLU B 126 1.49 6.40 -19.87
CA GLU B 126 2.15 7.68 -19.70
C GLU B 126 2.66 7.93 -18.29
N GLY B 127 2.11 7.25 -17.30
CA GLY B 127 2.47 7.47 -15.91
C GLY B 127 1.43 6.94 -14.94
N ILE B 128 1.67 7.22 -13.66
CA ILE B 128 0.74 6.87 -12.60
C ILE B 128 0.42 8.11 -11.76
N PHE B 129 -0.84 8.19 -11.39
CA PHE B 129 -1.35 9.25 -10.54
C PHE B 129 -1.63 8.64 -9.17
N THR B 130 -0.85 9.05 -8.18
CA THR B 130 -0.85 8.36 -6.89
C THR B 130 -1.50 9.20 -5.79
N ARG B 131 -1.84 8.53 -4.70
CA ARG B 131 -2.39 9.25 -3.55
C ARG B 131 -1.41 10.27 -2.99
N ARG B 132 -0.11 9.92 -3.00
CA ARG B 132 0.90 10.80 -2.45
C ARG B 132 0.89 12.14 -3.17
N VAL B 133 0.84 12.12 -4.49
N VAL B 133 0.88 12.12 -4.49
CA VAL B 133 0.97 13.40 -5.20
CA VAL B 133 0.92 13.37 -5.24
C VAL B 133 -0.26 14.26 -4.97
C VAL B 133 -0.26 14.24 -4.86
N VAL B 134 -1.44 13.64 -4.80
CA VAL B 134 -2.66 14.39 -4.45
C VAL B 134 -2.54 14.97 -3.06
N LEU B 135 -2.12 14.13 -2.10
CA LEU B 135 -2.05 14.58 -0.72
C LEU B 135 -1.04 15.71 -0.57
N LYS B 136 0.07 15.64 -1.30
CA LYS B 136 1.07 16.69 -1.20
C LYS B 136 0.50 18.01 -1.67
N GLU B 137 -0.22 17.98 -2.79
CA GLU B 137 -0.77 19.19 -3.35
C GLU B 137 -1.93 19.71 -2.51
N LEU B 138 -2.72 18.80 -1.91
CA LEU B 138 -3.81 19.21 -1.03
C LEU B 138 -3.28 19.83 0.26
N ASN B 139 -2.23 19.25 0.83
CA ASN B 139 -1.67 19.81 2.05
C ASN B 139 -1.19 21.22 1.80
N LYS B 140 -0.54 21.45 0.66
CA LYS B 140 -0.07 22.78 0.32
C LYS B 140 -1.24 23.77 0.25
N HIS B 141 -2.31 23.38 -0.43
CA HIS B 141 -3.47 24.25 -0.57
C HIS B 141 -4.14 24.52 0.78
N ILE B 142 -4.31 23.47 1.58
CA ILE B 142 -4.94 23.62 2.89
C ILE B 142 -4.09 24.47 3.82
N ARG B 143 -2.77 24.30 3.77
CA ARG B 143 -1.91 25.04 4.69
C ARG B 143 -1.94 26.54 4.38
N SER B 144 -1.95 26.90 3.10
CA SER B 144 -2.02 28.31 2.71
C SER B 144 -3.46 28.80 2.65
#